data_3DR8
#
_entry.id   3DR8
#
_cell.length_a   63.254
_cell.length_b   71.374
_cell.length_c   74.005
_cell.angle_alpha   90.00
_cell.angle_beta   90.00
_cell.angle_gamma   90.00
#
_symmetry.space_group_name_H-M   'P 21 21 21'
#
loop_
_entity.id
_entity.type
_entity.pdbx_description
1 polymer yncA
2 non-polymer 'ACETATE ION'
3 non-polymer 'CHLORIDE ION'
4 non-polymer 'ACETYL COENZYME *A'
5 water water
#
_entity_poly.entity_id   1
_entity_poly.type   'polypeptide(L)'
_entity_poly.pdbx_seq_one_letter_code
;SNA(MSE)TIRFADKADCAAITEIYNHAVLHTAAIWNDRTVDTDNRLAWYEARQLLGYPVLVSEENGVVTGYASFGDWRS
FDGFRYTVEHSVYVHPAHQGKGLGRKLLSRLIDEARRCGKHV(MSE)VAGIESQNAASIRLHHSLGFTVTAQ(MSE)PQV
GVKFGRWLDLTF(MSE)QLQLDEHAAPDAC
;
_entity_poly.pdbx_strand_id   A,B
#
# COMPACT_ATOMS: atom_id res chain seq x y z
N SER A 1 -21.86 30.59 -17.98
CA SER A 1 -21.20 30.79 -16.65
C SER A 1 -19.76 30.30 -16.64
N ASN A 2 -18.89 31.12 -16.04
CA ASN A 2 -17.57 30.67 -15.63
C ASN A 2 -17.31 30.99 -14.16
N THR A 5 -15.71 25.69 -13.29
CA THR A 5 -16.54 24.83 -12.48
C THR A 5 -15.80 23.57 -12.01
N ILE A 6 -16.08 23.13 -10.78
CA ILE A 6 -15.80 21.75 -10.36
C ILE A 6 -17.12 20.93 -10.45
N ARG A 7 -17.09 19.81 -11.15
CA ARG A 7 -18.29 18.98 -11.30
C ARG A 7 -17.92 17.51 -11.30
N PHE A 8 -18.93 16.63 -11.18
CA PHE A 8 -18.71 15.20 -11.31
C PHE A 8 -18.40 14.96 -12.77
N ALA A 9 -17.45 14.05 -13.00
CA ALA A 9 -17.14 13.59 -14.35
C ALA A 9 -18.30 12.79 -14.93
N ASP A 10 -18.37 12.81 -16.27
CA ASP A 10 -19.20 11.97 -17.13
C ASP A 10 -18.28 10.96 -17.78
N LYS A 11 -18.85 9.88 -18.29
CA LYS A 11 -18.17 8.96 -19.20
C LYS A 11 -17.47 9.72 -20.36
N ALA A 12 -18.07 10.78 -20.89
CA ALA A 12 -17.47 11.49 -22.02
C ALA A 12 -16.20 12.27 -21.64
N ASP A 13 -15.94 12.44 -20.35
CA ASP A 13 -14.71 13.09 -19.90
C ASP A 13 -13.52 12.17 -19.93
N CYS A 14 -13.73 10.88 -20.21
CA CYS A 14 -12.63 9.90 -20.03
C CYS A 14 -11.43 10.03 -20.95
N ALA A 15 -11.66 10.51 -22.18
CA ALA A 15 -10.53 10.78 -23.04
C ALA A 15 -9.67 11.96 -22.53
N ALA A 16 -10.30 13.05 -22.06
CA ALA A 16 -9.55 14.16 -21.46
C ALA A 16 -8.78 13.70 -20.21
N ILE A 17 -9.46 12.90 -19.37
CA ILE A 17 -8.80 12.28 -18.21
C ILE A 17 -7.57 11.45 -18.61
N THR A 18 -7.72 10.60 -19.61
CA THR A 18 -6.63 9.73 -20.10
C THR A 18 -5.44 10.57 -20.54
N GLU A 19 -5.69 11.61 -21.33
CA GLU A 19 -4.59 12.54 -21.74
C GLU A 19 -3.82 13.14 -20.54
N ILE A 20 -4.55 13.54 -19.50
CA ILE A 20 -3.88 14.13 -18.33
C ILE A 20 -3.08 13.06 -17.57
N TYR A 21 -3.70 11.91 -17.39
CA TYR A 21 -3.09 10.75 -16.74
C TYR A 21 -1.80 10.37 -17.47
N ASN A 22 -1.88 10.21 -18.79
CA ASN A 22 -0.70 9.80 -19.59
C ASN A 22 0.46 10.78 -19.51
N HIS A 23 0.13 12.08 -19.48
CA HIS A 23 1.14 13.11 -19.32
C HIS A 23 1.86 12.96 -17.97
N ALA A 24 1.10 12.67 -16.92
CA ALA A 24 1.69 12.44 -15.59
C ALA A 24 2.58 11.17 -15.55
N VAL A 25 2.15 10.13 -16.26
CA VAL A 25 2.94 8.92 -16.39
C VAL A 25 4.30 9.19 -17.05
N LEU A 26 4.28 9.98 -18.13
CA LEU A 26 5.46 10.23 -18.95
C LEU A 26 6.37 11.24 -18.29
N HIS A 27 5.81 12.22 -17.58
CA HIS A 27 6.57 13.44 -17.31
C HIS A 27 6.73 13.84 -15.85
N THR A 28 6.18 13.04 -14.94
CA THR A 28 6.24 13.37 -13.51
C THR A 28 6.61 12.10 -12.77
N ALA A 29 7.08 12.28 -11.52
CA ALA A 29 7.35 11.22 -10.57
C ALA A 29 6.14 10.93 -9.64
N ALA A 30 4.95 11.33 -10.09
CA ALA A 30 3.76 11.29 -9.27
C ALA A 30 3.06 9.92 -9.33
N ILE A 31 3.22 9.25 -10.47
CA ILE A 31 2.67 7.92 -10.70
C ILE A 31 3.84 7.00 -10.94
N TRP A 32 3.96 5.98 -10.09
CA TRP A 32 5.14 5.14 -10.02
C TRP A 32 4.95 3.94 -10.92
N ASN A 33 4.71 4.23 -12.20
CA ASN A 33 4.48 3.27 -13.25
C ASN A 33 4.95 3.97 -14.53
N ASP A 34 5.21 3.19 -15.59
CA ASP A 34 5.69 3.78 -16.81
C ASP A 34 4.76 3.42 -17.96
N ARG A 35 3.60 2.87 -17.60
CA ARG A 35 2.61 2.39 -18.60
C ARG A 35 1.61 3.50 -18.93
N THR A 36 1.66 4.03 -20.15
CA THR A 36 0.55 4.89 -20.64
C THR A 36 -0.62 3.98 -21.00
N VAL A 37 -1.83 4.51 -20.92
CA VAL A 37 -3.03 3.67 -21.09
C VAL A 37 -3.96 4.24 -22.17
N ASP A 38 -4.92 3.44 -22.62
CA ASP A 38 -5.93 3.94 -23.59
C ASP A 38 -7.19 4.46 -22.88
N THR A 39 -8.04 5.14 -23.64
CA THR A 39 -9.29 5.69 -23.10
C THR A 39 -10.10 4.64 -22.37
N ASP A 40 -10.18 3.43 -22.93
CA ASP A 40 -10.98 2.37 -22.28
C ASP A 40 -10.45 1.98 -20.89
N ASN A 41 -9.13 2.01 -20.72
CA ASN A 41 -8.55 1.77 -19.40
C ASN A 41 -9.11 2.74 -18.34
N ARG A 42 -9.08 4.03 -18.64
CA ARG A 42 -9.61 5.06 -17.71
C ARG A 42 -11.11 5.01 -17.60
N LEU A 43 -11.81 4.61 -18.67
CA LEU A 43 -13.24 4.33 -18.59
C LEU A 43 -13.57 3.23 -17.57
N ALA A 44 -12.79 2.15 -17.60
CA ALA A 44 -12.97 1.04 -16.67
C ALA A 44 -12.69 1.47 -15.24
N TRP A 45 -11.66 2.29 -15.07
CA TRP A 45 -11.33 2.91 -13.79
C TRP A 45 -12.50 3.78 -13.29
N TYR A 46 -13.05 4.60 -14.18
CA TYR A 46 -14.11 5.53 -13.87
C TYR A 46 -15.34 4.72 -13.41
N GLU A 47 -15.66 3.68 -14.18
CA GLU A 47 -16.81 2.82 -13.88
C GLU A 47 -16.64 2.07 -12.58
N ALA A 48 -15.46 1.51 -12.34
CA ALA A 48 -15.22 0.87 -11.03
C ALA A 48 -15.46 1.83 -9.88
N ARG A 49 -15.04 3.09 -10.01
CA ARG A 49 -15.31 4.09 -8.98
C ARG A 49 -16.84 4.32 -8.86
N GLN A 50 -17.55 4.44 -9.97
CA GLN A 50 -19.02 4.69 -9.88
C GLN A 50 -19.73 3.59 -9.10
N LEU A 51 -19.34 2.34 -9.36
CA LEU A 51 -19.91 1.17 -8.72
C LEU A 51 -19.80 1.17 -7.20
N LEU A 52 -18.67 1.66 -6.70
CA LEU A 52 -18.44 1.89 -5.27
C LEU A 52 -19.03 3.22 -4.77
N GLY A 53 -19.58 4.01 -5.69
CA GLY A 53 -20.13 5.33 -5.33
C GLY A 53 -19.05 6.34 -5.00
N TYR A 54 -17.83 6.12 -5.50
CA TYR A 54 -16.71 7.02 -5.22
C TYR A 54 -16.66 8.11 -6.30
N PRO A 55 -16.34 9.35 -5.91
CA PRO A 55 -16.42 10.47 -6.85
C PRO A 55 -15.23 10.44 -7.81
N VAL A 56 -15.52 10.81 -9.04
CA VAL A 56 -14.52 11.27 -10.00
C VAL A 56 -14.98 12.69 -10.37
N LEU A 57 -14.10 13.65 -10.09
CA LEU A 57 -14.34 15.08 -10.25
C LEU A 57 -13.50 15.64 -11.37
N VAL A 58 -14.09 16.54 -12.17
CA VAL A 58 -13.31 17.34 -13.10
C VAL A 58 -13.45 18.83 -12.83
N SER A 59 -12.37 19.56 -13.05
CA SER A 59 -12.45 21.02 -13.24
C SER A 59 -12.56 21.28 -14.75
N GLU A 60 -13.30 22.33 -15.11
CA GLU A 60 -13.68 22.62 -16.47
C GLU A 60 -13.68 24.13 -16.65
N GLU A 61 -13.37 24.60 -17.85
CA GLU A 61 -13.61 26.01 -18.22
C GLU A 61 -14.04 26.13 -19.68
N ASN A 62 -15.04 26.99 -19.92
CA ASN A 62 -15.93 26.87 -21.11
C ASN A 62 -15.88 25.52 -21.84
N GLY A 63 -16.35 24.50 -21.12
CA GLY A 63 -16.55 23.16 -21.64
C GLY A 63 -15.33 22.30 -21.85
N VAL A 64 -14.16 22.74 -21.42
CA VAL A 64 -12.99 21.88 -21.54
C VAL A 64 -12.44 21.44 -20.17
N VAL A 65 -12.09 20.17 -20.09
CA VAL A 65 -11.55 19.63 -18.86
C VAL A 65 -10.12 20.10 -18.62
N THR A 66 -9.88 20.67 -17.44
CA THR A 66 -8.58 21.24 -17.06
C THR A 66 -7.86 20.45 -15.95
N GLY A 67 -8.49 19.41 -15.47
CA GLY A 67 -8.00 18.68 -14.32
C GLY A 67 -9.01 17.69 -13.76
N TYR A 68 -8.50 16.77 -12.94
CA TYR A 68 -9.38 15.79 -12.32
C TYR A 68 -8.91 15.33 -10.95
N ALA A 69 -9.85 14.76 -10.20
CA ALA A 69 -9.58 14.24 -8.89
C ALA A 69 -10.51 13.08 -8.58
N SER A 70 -10.02 12.16 -7.76
CA SER A 70 -10.82 10.98 -7.43
C SER A 70 -10.18 10.30 -6.21
N PHE A 71 -10.90 9.35 -5.64
CA PHE A 71 -10.31 8.46 -4.63
C PHE A 71 -10.78 7.01 -4.82
N GLY A 72 -10.04 6.09 -4.24
CA GLY A 72 -10.43 4.69 -4.21
C GLY A 72 -9.98 4.11 -2.87
N ASP A 73 -10.31 2.85 -2.65
CA ASP A 73 -9.82 2.11 -1.49
C ASP A 73 -8.31 2.09 -1.49
N TRP A 74 -7.72 2.32 -0.32
CA TRP A 74 -6.27 2.30 -0.22
C TRP A 74 -5.77 0.89 -0.53
N ARG A 75 -6.45 -0.10 0.03
CA ARG A 75 -6.15 -1.52 -0.17
C ARG A 75 -7.52 -2.21 -0.26
N SER A 76 -7.53 -3.43 -0.79
CA SER A 76 -8.82 -4.08 -1.02
C SER A 76 -9.35 -4.78 0.23
N PHE A 77 -8.46 -5.13 1.16
CA PHE A 77 -8.87 -5.83 2.37
C PHE A 77 -9.84 -5.00 3.24
N ASP A 78 -10.78 -5.73 3.84
CA ASP A 78 -11.93 -5.25 4.61
C ASP A 78 -11.60 -4.22 5.70
N GLY A 79 -10.50 -4.45 6.39
CA GLY A 79 -10.05 -3.54 7.48
C GLY A 79 -9.69 -2.11 7.11
N PHE A 80 -9.45 -1.87 5.81
CA PHE A 80 -9.14 -0.57 5.24
C PHE A 80 -10.36 0.17 4.69
N ARG A 81 -11.56 -0.35 4.95
CA ARG A 81 -12.75 0.08 4.24
C ARG A 81 -13.24 1.47 4.63
N TYR A 82 -12.57 2.14 5.57
CA TYR A 82 -12.85 3.57 5.82
C TYR A 82 -11.68 4.47 5.46
N THR A 83 -10.64 3.90 4.85
CA THR A 83 -9.50 4.68 4.40
C THR A 83 -9.43 4.71 2.88
N VAL A 84 -9.34 5.89 2.30
CA VAL A 84 -9.19 6.01 0.85
C VAL A 84 -7.86 6.62 0.54
N GLU A 85 -7.33 6.24 -0.62
CA GLU A 85 -6.20 6.94 -1.17
C GLU A 85 -6.65 7.73 -2.42
N HIS A 86 -6.40 9.03 -2.41
CA HIS A 86 -6.90 9.91 -3.45
C HIS A 86 -5.80 10.40 -4.39
N SER A 87 -6.23 11.01 -5.48
CA SER A 87 -5.29 11.63 -6.37
C SER A 87 -5.91 12.87 -7.04
N VAL A 88 -5.03 13.81 -7.41
CA VAL A 88 -5.45 15.04 -8.01
C VAL A 88 -4.48 15.25 -9.15
N TYR A 89 -4.97 15.43 -10.39
CA TYR A 89 -4.09 15.82 -11.51
C TYR A 89 -4.65 16.96 -12.33
N VAL A 90 -3.89 18.05 -12.37
CA VAL A 90 -4.28 19.22 -13.15
C VAL A 90 -3.47 19.21 -14.46
N HIS A 91 -4.17 19.46 -15.57
CA HIS A 91 -3.56 19.58 -16.88
C HIS A 91 -2.37 20.54 -16.79
N PRO A 92 -1.20 20.12 -17.31
CA PRO A 92 0.03 20.90 -17.08
C PRO A 92 -0.09 22.37 -17.44
N ALA A 93 -0.88 22.67 -18.48
CA ALA A 93 -1.15 24.05 -18.93
C ALA A 93 -2.03 24.85 -17.96
N HIS A 94 -2.58 24.20 -16.93
CA HIS A 94 -3.49 24.89 -16.03
C HIS A 94 -3.08 24.83 -14.59
N GLN A 95 -1.88 24.31 -14.34
CA GLN A 95 -1.31 24.21 -13.01
C GLN A 95 -0.93 25.58 -12.47
N GLY A 96 -0.90 25.67 -11.14
CA GLY A 96 -0.47 26.89 -10.47
C GLY A 96 -1.56 27.94 -10.51
N LYS A 97 -2.82 27.53 -10.69
CA LYS A 97 -3.93 28.52 -10.80
C LYS A 97 -5.07 28.29 -9.81
N GLY A 98 -4.78 27.53 -8.75
CA GLY A 98 -5.77 27.23 -7.70
C GLY A 98 -6.72 26.09 -7.99
N LEU A 99 -6.59 25.42 -9.14
CA LEU A 99 -7.48 24.31 -9.51
C LEU A 99 -7.30 23.10 -8.59
N GLY A 100 -6.05 22.84 -8.20
CA GLY A 100 -5.74 21.71 -7.31
C GLY A 100 -6.43 21.81 -5.96
N ARG A 101 -6.38 22.99 -5.38
CA ARG A 101 -7.10 23.27 -4.16
C ARG A 101 -8.62 23.18 -4.33
N LYS A 102 -9.13 23.72 -5.43
CA LYS A 102 -10.58 23.61 -5.67
C LYS A 102 -11.00 22.14 -5.78
N LEU A 103 -10.28 21.36 -6.59
CA LEU A 103 -10.55 19.91 -6.69
C LEU A 103 -10.43 19.14 -5.39
N LEU A 104 -9.34 19.37 -4.65
CA LEU A 104 -9.13 18.62 -3.41
C LEU A 104 -10.11 18.99 -2.30
N SER A 105 -10.38 20.30 -2.15
N SER A 105 -10.42 20.28 -2.13
CA SER A 105 -11.40 20.79 -1.22
CA SER A 105 -11.42 20.64 -1.11
C SER A 105 -12.72 20.02 -1.42
C SER A 105 -12.81 20.08 -1.38
N ARG A 106 -13.19 19.98 -2.65
CA ARG A 106 -14.41 19.28 -3.02
C ARG A 106 -14.30 17.75 -2.79
N LEU A 107 -13.13 17.19 -3.08
CA LEU A 107 -12.94 15.76 -2.85
C LEU A 107 -13.08 15.40 -1.37
N ILE A 108 -12.53 16.24 -0.51
CA ILE A 108 -12.68 16.07 0.94
C ILE A 108 -14.16 16.05 1.32
N ASP A 109 -14.96 16.97 0.78
CA ASP A 109 -16.40 16.97 1.07
C ASP A 109 -17.07 15.67 0.68
N GLU A 110 -16.72 15.19 -0.51
CA GLU A 110 -17.24 13.92 -1.02
C GLU A 110 -16.72 12.76 -0.21
N ALA A 111 -15.49 12.83 0.28
CA ALA A 111 -15.04 11.72 1.16
C ALA A 111 -15.85 11.66 2.45
N ARG A 112 -16.15 12.82 3.04
CA ARG A 112 -17.00 12.87 4.26
C ARG A 112 -18.39 12.33 3.93
N ARG A 113 -18.89 12.70 2.75
CA ARG A 113 -20.20 12.24 2.32
C ARG A 113 -20.24 10.73 2.15
N CYS A 114 -19.11 10.13 1.77
CA CYS A 114 -19.08 8.69 1.53
C CYS A 114 -18.88 7.93 2.82
N GLY A 115 -18.72 8.63 3.94
CA GLY A 115 -18.57 8.00 5.22
C GLY A 115 -17.15 7.58 5.58
N LYS A 116 -16.17 8.07 4.83
CA LYS A 116 -14.77 7.68 5.03
C LYS A 116 -14.15 8.35 6.30
N HIS A 117 -13.14 7.70 6.89
CA HIS A 117 -12.52 8.18 8.12
C HIS A 117 -11.17 8.86 7.85
N VAL A 118 -10.43 8.33 6.88
CA VAL A 118 -9.08 8.83 6.58
C VAL A 118 -8.89 8.92 5.08
N VAL A 120 -5.60 9.25 2.53
CA VAL A 120 -4.16 9.05 2.44
C VAL A 120 -3.64 9.60 1.12
N ALA A 121 -2.68 10.52 1.22
CA ALA A 121 -1.94 11.01 0.03
C ALA A 121 -0.55 10.35 -0.06
N GLY A 122 -0.30 9.62 -1.15
CA GLY A 122 1.04 9.11 -1.44
C GLY A 122 1.76 10.10 -2.34
N ILE A 123 2.69 10.89 -1.79
CA ILE A 123 3.30 11.97 -2.57
C ILE A 123 4.84 11.73 -2.71
N GLU A 124 5.41 11.79 -3.92
CA GLU A 124 6.88 11.68 -4.05
C GLU A 124 7.46 12.87 -3.31
N SER A 125 8.54 12.65 -2.56
CA SER A 125 8.96 13.63 -1.58
C SER A 125 9.38 14.97 -2.13
N GLN A 126 9.73 15.04 -3.42
CA GLN A 126 10.23 16.30 -3.99
C GLN A 126 9.06 17.12 -4.56
N ASN A 127 7.85 16.57 -4.51
CA ASN A 127 6.66 17.27 -5.02
C ASN A 127 6.20 18.36 -4.06
N ALA A 128 6.87 19.51 -4.08
CA ALA A 128 6.66 20.54 -3.06
C ALA A 128 5.26 21.13 -3.19
N ALA A 129 4.82 21.29 -4.42
CA ALA A 129 3.47 21.78 -4.76
C ALA A 129 2.36 20.90 -4.15
N SER A 130 2.49 19.59 -4.29
CA SER A 130 1.49 18.70 -3.74
C SER A 130 1.58 18.70 -2.20
N ILE A 131 2.78 18.72 -1.66
CA ILE A 131 2.91 18.71 -0.19
C ILE A 131 2.27 19.99 0.39
N ARG A 132 2.49 21.11 -0.28
CA ARG A 132 1.96 22.39 0.17
C ARG A 132 0.45 22.43 0.01
N LEU A 133 -0.04 21.98 -1.13
CA LEU A 133 -1.50 21.80 -1.40
C LEU A 133 -2.23 21.07 -0.27
N HIS A 134 -1.68 19.91 0.10
CA HIS A 134 -2.24 19.07 1.16
C HIS A 134 -2.14 19.73 2.53
N HIS A 135 -0.97 20.24 2.88
N HIS A 135 -0.98 20.26 2.89
CA HIS A 135 -0.78 21.03 4.11
CA HIS A 135 -0.85 20.97 4.17
C HIS A 135 -1.89 22.08 4.26
C HIS A 135 -1.86 22.12 4.29
N SER A 136 -2.13 22.82 3.18
CA SER A 136 -3.09 23.93 3.21
C SER A 136 -4.54 23.49 3.35
N LEU A 137 -4.80 22.19 3.11
CA LEU A 137 -6.13 21.62 3.33
C LEU A 137 -6.18 20.69 4.55
N GLY A 138 -5.20 20.83 5.44
CA GLY A 138 -5.23 20.18 6.75
C GLY A 138 -4.55 18.80 6.91
N PHE A 139 -3.89 18.33 5.84
CA PHE A 139 -3.21 17.04 5.85
C PHE A 139 -1.92 17.19 6.64
N THR A 140 -1.47 16.10 7.26
CA THR A 140 -0.19 16.12 7.94
C THR A 140 0.67 14.93 7.48
N VAL A 141 1.98 15.16 7.53
CA VAL A 141 2.97 14.15 7.13
C VAL A 141 3.01 13.06 8.21
N THR A 142 2.71 11.82 7.81
CA THR A 142 2.74 10.69 8.73
C THR A 142 3.74 9.60 8.29
N ALA A 143 4.38 9.80 7.12
CA ALA A 143 5.47 8.91 6.68
C ALA A 143 6.50 9.63 5.83
N GLN A 144 7.74 9.18 5.96
CA GLN A 144 8.83 9.62 5.12
C GLN A 144 9.67 8.41 4.86
N PRO A 146 12.40 6.58 2.60
CA PRO A 146 13.49 6.75 1.60
C PRO A 146 13.60 5.60 0.59
N GLN A 147 13.73 5.97 -0.68
CA GLN A 147 14.23 5.07 -1.75
C GLN A 147 13.36 3.82 -1.98
N VAL A 148 12.06 3.96 -1.74
CA VAL A 148 11.08 2.88 -1.91
C VAL A 148 10.50 2.83 -3.33
N GLY A 149 10.80 3.88 -4.11
CA GLY A 149 10.36 3.89 -5.52
C GLY A 149 11.52 4.05 -6.46
N VAL A 150 11.30 3.77 -7.73
N VAL A 150 11.29 3.79 -7.74
CA VAL A 150 12.25 4.10 -8.78
CA VAL A 150 12.25 4.11 -8.79
C VAL A 150 11.48 4.72 -9.95
C VAL A 150 11.51 4.70 -9.99
N LYS A 151 12.07 5.75 -10.55
CA LYS A 151 11.62 6.24 -11.88
C LYS A 151 12.73 7.04 -12.52
N PHE A 152 12.74 7.09 -13.85
CA PHE A 152 13.74 7.88 -14.56
C PHE A 152 15.14 7.49 -14.10
N GLY A 153 15.30 6.20 -13.77
CA GLY A 153 16.59 5.65 -13.34
C GLY A 153 17.14 6.09 -12.00
N ARG A 154 16.29 6.66 -11.14
CA ARG A 154 16.70 7.15 -9.82
C ARG A 154 15.76 6.66 -8.72
N TRP A 155 16.28 6.61 -7.49
CA TRP A 155 15.43 6.27 -6.32
C TRP A 155 14.49 7.43 -6.04
N LEU A 156 13.27 7.09 -5.68
CA LEU A 156 12.27 8.08 -5.23
C LEU A 156 11.96 7.85 -3.76
N ASP A 157 11.75 8.95 -3.02
CA ASP A 157 11.26 8.85 -1.66
C ASP A 157 9.73 9.08 -1.61
N LEU A 158 9.08 8.44 -0.67
CA LEU A 158 7.63 8.56 -0.50
C LEU A 158 7.26 9.25 0.79
N THR A 159 6.47 10.30 0.66
CA THR A 159 5.84 10.97 1.81
C THR A 159 4.37 10.59 1.84
N PHE A 160 3.90 10.06 2.97
CA PHE A 160 2.48 9.86 3.14
C PHE A 160 1.99 11.07 3.93
N GLN A 162 -1.86 12.44 5.59
CA GLN A 162 -3.21 11.98 5.77
C GLN A 162 -4.08 13.08 6.43
N LEU A 163 -5.38 12.92 6.24
CA LEU A 163 -6.38 13.76 6.86
C LEU A 163 -7.44 12.85 7.45
N GLN A 164 -7.64 12.99 8.76
CA GLN A 164 -8.69 12.26 9.45
C GLN A 164 -9.97 13.09 9.38
N LEU A 165 -11.04 12.50 8.87
CA LEU A 165 -12.21 13.28 8.47
C LEU A 165 -13.25 13.44 9.60
N ASP A 166 -13.10 12.66 10.67
CA ASP A 166 -13.99 12.73 11.83
C ASP A 166 -13.28 12.16 13.06
N GLU A 167 -13.96 12.19 14.21
CA GLU A 167 -13.39 11.63 15.41
C GLU A 167 -14.31 10.57 15.96
N HIS A 168 -15.00 9.86 15.07
CA HIS A 168 -15.93 8.82 15.51
C HIS A 168 -15.23 7.57 16.05
N ALA A 169 -16.01 6.81 16.81
CA ALA A 169 -15.62 5.48 17.26
C ALA A 169 -15.54 4.58 16.03
N ALA A 170 -14.73 3.53 16.13
CA ALA A 170 -14.63 2.54 15.05
C ALA A 170 -15.97 1.78 14.88
N PRO A 171 -16.44 1.66 13.63
CA PRO A 171 -17.66 0.91 13.34
C PRO A 171 -17.62 -0.59 13.66
N ASP A 172 -18.81 -1.16 13.73
CA ASP A 172 -19.02 -2.60 13.85
C ASP A 172 -18.66 -3.35 12.56
N ALA A 173 -18.64 -4.67 12.65
CA ALA A 173 -18.42 -5.58 11.51
C ALA A 173 -19.33 -5.32 10.30
N CYS A 174 -20.59 -5.00 10.56
CA CYS A 174 -21.57 -4.72 9.51
C CYS A 174 -22.72 -3.88 10.09
N ASN B 2 19.64 -28.72 15.34
CA ASN B 2 19.29 -30.11 14.87
C ASN B 2 17.82 -30.47 15.02
N ALA B 3 17.27 -30.25 16.21
CA ALA B 3 15.82 -30.34 16.49
C ALA B 3 14.99 -29.29 15.73
N THR B 5 14.99 -26.25 12.59
CA THR B 5 15.60 -25.65 11.39
C THR B 5 14.73 -24.53 10.82
N ILE B 6 15.36 -23.64 10.04
CA ILE B 6 14.69 -22.79 9.05
C ILE B 6 15.04 -23.35 7.69
N ARG B 7 14.03 -23.54 6.84
CA ARG B 7 14.23 -24.02 5.47
C ARG B 7 13.25 -23.38 4.48
N PHE B 8 13.51 -23.52 3.18
CA PHE B 8 12.47 -23.18 2.22
C PHE B 8 11.28 -24.13 2.41
N ALA B 9 10.07 -23.59 2.24
CA ALA B 9 8.82 -24.37 2.29
C ALA B 9 8.66 -25.28 1.08
N ASP B 10 7.94 -26.37 1.29
CA ASP B 10 7.54 -27.32 0.26
C ASP B 10 6.04 -27.14 0.05
N LYS B 11 5.51 -27.56 -1.11
CA LYS B 11 4.06 -27.66 -1.31
C LYS B 11 3.37 -28.38 -0.13
N ALA B 12 3.98 -29.46 0.36
CA ALA B 12 3.45 -30.24 1.51
C ALA B 12 3.26 -29.43 2.81
N ASP B 13 3.96 -28.29 2.95
CA ASP B 13 3.76 -27.36 4.10
C ASP B 13 2.54 -26.44 4.00
N CYS B 14 1.84 -26.41 2.86
CA CYS B 14 0.80 -25.38 2.71
C CYS B 14 -0.40 -25.52 3.65
N ALA B 15 -0.74 -26.76 4.02
CA ALA B 15 -1.81 -26.99 5.00
C ALA B 15 -1.48 -26.35 6.37
N ALA B 16 -0.26 -26.57 6.85
CA ALA B 16 0.26 -25.97 8.08
C ALA B 16 0.31 -24.44 8.02
N ILE B 17 0.79 -23.91 6.90
CA ILE B 17 0.83 -22.46 6.64
C ILE B 17 -0.57 -21.84 6.66
N THR B 18 -1.51 -22.56 6.03
CA THR B 18 -2.91 -22.15 5.98
C THR B 18 -3.53 -21.95 7.34
N GLU B 19 -3.31 -22.89 8.25
CA GLU B 19 -3.92 -22.79 9.54
C GLU B 19 -3.27 -21.69 10.40
N ILE B 20 -1.97 -21.45 10.21
CA ILE B 20 -1.30 -20.37 10.93
C ILE B 20 -1.86 -19.04 10.40
N TYR B 21 -2.03 -18.95 9.08
CA TYR B 21 -2.55 -17.76 8.44
C TYR B 21 -3.97 -17.50 9.00
N ASN B 22 -4.85 -18.51 8.95
CA ASN B 22 -6.23 -18.31 9.41
C ASN B 22 -6.31 -17.99 10.91
N HIS B 23 -5.45 -18.60 11.71
CA HIS B 23 -5.47 -18.22 13.12
C HIS B 23 -5.19 -16.72 13.26
N ALA B 24 -4.24 -16.21 12.47
CA ALA B 24 -3.88 -14.78 12.52
C ALA B 24 -5.00 -13.89 12.02
N VAL B 25 -5.73 -14.39 11.01
CA VAL B 25 -6.94 -13.70 10.54
C VAL B 25 -7.99 -13.59 11.64
N LEU B 26 -8.19 -14.68 12.38
CA LEU B 26 -9.29 -14.75 13.36
C LEU B 26 -8.95 -14.04 14.66
N HIS B 27 -7.65 -13.98 15.00
CA HIS B 27 -7.23 -13.64 16.34
C HIS B 27 -6.17 -12.57 16.51
N THR B 28 -5.77 -11.91 15.43
CA THR B 28 -4.81 -10.81 15.52
C THR B 28 -5.17 -9.66 14.62
N ALA B 29 -4.51 -8.52 14.85
CA ALA B 29 -4.64 -7.40 13.93
C ALA B 29 -3.50 -7.37 12.94
N ALA B 30 -2.87 -8.52 12.68
CA ALA B 30 -1.73 -8.56 11.73
C ALA B 30 -2.19 -8.55 10.28
N ILE B 31 -3.39 -9.09 10.06
CA ILE B 31 -4.04 -9.19 8.74
C ILE B 31 -5.35 -8.41 8.83
N TRP B 32 -5.48 -7.35 8.05
CA TRP B 32 -6.61 -6.46 8.22
C TRP B 32 -7.76 -6.93 7.34
N ASN B 33 -8.21 -8.17 7.59
CA ASN B 33 -9.28 -8.83 6.83
C ASN B 33 -9.90 -9.88 7.72
N ASP B 34 -11.07 -10.38 7.32
N ASP B 34 -11.09 -10.40 7.41
CA ASP B 34 -11.85 -11.35 8.06
CA ASP B 34 -11.67 -11.51 8.19
C ASP B 34 -12.08 -12.64 7.26
C ASP B 34 -11.74 -12.82 7.40
N ARG B 35 -11.36 -12.78 6.13
CA ARG B 35 -11.54 -13.92 5.25
C ARG B 35 -10.51 -15.02 5.56
N THR B 36 -10.97 -16.18 6.01
CA THR B 36 -10.05 -17.32 6.11
C THR B 36 -9.94 -18.02 4.75
N VAL B 37 -8.86 -18.76 4.54
CA VAL B 37 -8.60 -19.35 3.23
C VAL B 37 -8.39 -20.85 3.34
N ASP B 38 -8.50 -21.54 2.20
CA ASP B 38 -8.22 -22.98 2.18
C ASP B 38 -6.77 -23.27 1.72
N THR B 39 -6.43 -24.55 1.66
CA THR B 39 -5.07 -24.99 1.39
C THR B 39 -4.72 -24.71 -0.08
N ASP B 40 -5.68 -24.94 -0.98
CA ASP B 40 -5.44 -24.65 -2.40
C ASP B 40 -5.10 -23.16 -2.57
N ASN B 41 -5.80 -22.30 -1.81
CA ASN B 41 -5.58 -20.87 -1.85
C ASN B 41 -4.13 -20.50 -1.53
N ARG B 42 -3.60 -21.05 -0.44
CA ARG B 42 -2.20 -20.79 -0.04
C ARG B 42 -1.23 -21.51 -0.96
N LEU B 43 -1.66 -22.66 -1.48
CA LEU B 43 -0.89 -23.32 -2.50
C LEU B 43 -0.66 -22.45 -3.71
N ALA B 44 -1.74 -21.84 -4.20
CA ALA B 44 -1.64 -20.95 -5.35
C ALA B 44 -0.75 -19.74 -5.00
N TRP B 45 -0.94 -19.18 -3.79
CA TRP B 45 -0.15 -18.07 -3.26
C TRP B 45 1.36 -18.42 -3.24
N TYR B 46 1.69 -19.59 -2.69
CA TYR B 46 3.05 -20.12 -2.65
C TYR B 46 3.66 -20.23 -4.08
N GLU B 47 2.90 -20.85 -4.97
CA GLU B 47 3.30 -21.08 -6.38
C GLU B 47 3.45 -19.77 -7.17
N ALA B 48 2.60 -18.78 -6.88
CA ALA B 48 2.73 -17.43 -7.44
C ALA B 48 4.01 -16.73 -6.97
N ARG B 49 4.32 -16.81 -5.65
CA ARG B 49 5.61 -16.30 -5.11
C ARG B 49 6.78 -16.93 -5.86
N GLN B 50 6.74 -18.25 -6.05
CA GLN B 50 7.81 -18.98 -6.71
C GLN B 50 7.98 -18.58 -8.18
N LEU B 51 6.89 -18.22 -8.88
CA LEU B 51 7.02 -17.75 -10.27
C LEU B 51 7.90 -16.51 -10.35
N LEU B 52 7.82 -15.66 -9.33
CA LEU B 52 8.59 -14.41 -9.28
C LEU B 52 9.96 -14.57 -8.63
N GLY B 53 10.25 -15.76 -8.14
CA GLY B 53 11.57 -16.06 -7.61
C GLY B 53 11.63 -15.66 -6.15
N TYR B 54 10.46 -15.45 -5.56
CA TYR B 54 10.34 -15.01 -4.15
C TYR B 54 10.19 -16.19 -3.18
N PRO B 55 10.83 -16.08 -2.01
CA PRO B 55 10.92 -17.18 -1.05
C PRO B 55 9.63 -17.37 -0.25
N VAL B 56 9.30 -18.63 0.00
CA VAL B 56 8.51 -18.92 1.18
C VAL B 56 9.40 -19.76 2.14
N LEU B 57 9.58 -19.29 3.37
CA LEU B 57 10.39 -20.00 4.36
C LEU B 57 9.53 -20.55 5.52
N VAL B 58 9.92 -21.68 6.11
CA VAL B 58 9.27 -22.20 7.29
C VAL B 58 10.27 -22.48 8.37
N SER B 59 9.82 -22.29 9.59
CA SER B 59 10.56 -22.83 10.75
C SER B 59 9.91 -24.19 11.12
N GLU B 60 10.72 -25.14 11.56
CA GLU B 60 10.21 -26.42 11.99
C GLU B 60 10.93 -26.95 13.21
N GLU B 61 10.27 -27.84 13.92
CA GLU B 61 10.87 -28.47 15.07
C GLU B 61 10.46 -29.93 15.01
N ASN B 62 11.45 -30.84 14.95
CA ASN B 62 11.17 -32.29 14.82
C ASN B 62 10.01 -32.59 13.85
N GLY B 63 10.04 -31.91 12.71
CA GLY B 63 9.13 -32.24 11.62
C GLY B 63 7.92 -31.34 11.53
N VAL B 64 7.54 -30.71 12.66
N VAL B 64 7.54 -30.69 12.63
CA VAL B 64 6.34 -29.84 12.72
CA VAL B 64 6.31 -29.90 12.69
C VAL B 64 6.67 -28.46 12.21
C VAL B 64 6.61 -28.46 12.27
N VAL B 65 5.85 -27.95 11.30
CA VAL B 65 5.96 -26.55 10.86
C VAL B 65 5.54 -25.60 12.02
N THR B 66 6.44 -24.71 12.44
CA THR B 66 6.19 -23.86 13.60
C THR B 66 6.01 -22.37 13.26
N GLY B 67 6.12 -22.02 11.98
CA GLY B 67 6.22 -20.62 11.61
C GLY B 67 6.49 -20.53 10.11
N TYR B 68 6.19 -19.38 9.51
CA TYR B 68 6.56 -19.15 8.12
C TYR B 68 6.82 -17.68 7.86
N ALA B 69 7.49 -17.42 6.75
CA ALA B 69 7.79 -16.02 6.36
C ALA B 69 7.96 -15.94 4.86
N SER B 70 7.68 -14.78 4.26
CA SER B 70 7.72 -14.65 2.81
C SER B 70 7.72 -13.16 2.51
N PHE B 71 7.90 -12.82 1.24
CA PHE B 71 7.67 -11.43 0.84
C PHE B 71 7.14 -11.42 -0.59
N GLY B 72 6.54 -10.31 -0.98
CA GLY B 72 6.11 -10.12 -2.35
C GLY B 72 6.29 -8.66 -2.69
N ASP B 73 5.93 -8.28 -3.91
CA ASP B 73 5.94 -6.89 -4.31
C ASP B 73 5.03 -6.06 -3.40
N TRP B 74 5.53 -4.91 -2.97
CA TRP B 74 4.74 -4.06 -2.07
C TRP B 74 3.50 -3.57 -2.79
N ARG B 75 3.69 -3.19 -4.08
CA ARG B 75 2.59 -2.78 -4.98
C ARG B 75 2.87 -3.35 -6.36
N SER B 76 1.87 -3.44 -7.24
CA SER B 76 2.12 -4.12 -8.50
C SER B 76 2.75 -3.19 -9.55
N PHE B 77 2.55 -1.89 -9.41
CA PHE B 77 3.13 -0.88 -10.32
C PHE B 77 4.66 -1.01 -10.41
N ASP B 78 5.19 -0.76 -11.62
CA ASP B 78 6.62 -0.80 -12.01
C ASP B 78 7.59 -0.13 -11.05
N GLY B 79 7.18 1.03 -10.54
CA GLY B 79 8.04 1.90 -9.70
C GLY B 79 8.45 1.30 -8.37
N PHE B 80 7.76 0.23 -7.99
CA PHE B 80 7.98 -0.48 -6.73
C PHE B 80 8.80 -1.78 -6.89
N ARG B 81 9.36 -2.01 -8.07
CA ARG B 81 10.00 -3.32 -8.35
C ARG B 81 11.30 -3.63 -7.59
N TYR B 82 11.79 -2.68 -6.81
CA TYR B 82 12.94 -2.94 -5.90
C TYR B 82 12.54 -2.96 -4.43
N THR B 83 11.23 -2.89 -4.16
CA THR B 83 10.73 -2.81 -2.81
C THR B 83 9.82 -3.97 -2.55
N VAL B 84 10.13 -4.73 -1.50
CA VAL B 84 9.19 -5.79 -1.12
C VAL B 84 8.53 -5.50 0.21
N GLU B 85 7.35 -6.09 0.39
CA GLU B 85 6.66 -6.10 1.66
C GLU B 85 6.58 -7.53 2.17
N HIS B 86 7.11 -7.74 3.36
CA HIS B 86 7.21 -9.10 3.88
C HIS B 86 6.24 -9.37 5.04
N SER B 87 6.18 -10.63 5.44
CA SER B 87 5.38 -10.99 6.61
C SER B 87 5.99 -12.18 7.30
N VAL B 88 5.80 -12.26 8.63
CA VAL B 88 6.30 -13.37 9.39
C VAL B 88 5.21 -13.80 10.37
N TYR B 89 4.92 -15.10 10.44
CA TYR B 89 3.91 -15.64 11.33
C TYR B 89 4.48 -16.85 12.04
N VAL B 90 4.51 -16.80 13.37
CA VAL B 90 4.91 -17.96 14.13
C VAL B 90 3.64 -18.62 14.70
N HIS B 91 3.55 -19.96 14.57
CA HIS B 91 2.42 -20.72 15.14
C HIS B 91 2.10 -20.24 16.57
N PRO B 92 0.78 -20.08 16.91
CA PRO B 92 0.40 -19.54 18.22
C PRO B 92 0.99 -20.30 19.40
N ALA B 93 1.42 -21.56 19.20
CA ALA B 93 1.96 -22.35 20.29
C ALA B 93 3.49 -22.31 20.40
N HIS B 94 4.14 -21.54 19.51
CA HIS B 94 5.60 -21.60 19.34
C HIS B 94 6.31 -20.23 19.38
N GLN B 95 5.60 -19.22 19.88
CA GLN B 95 6.07 -17.85 19.94
C GLN B 95 6.94 -17.57 21.18
N GLY B 96 7.66 -16.46 21.16
CA GLY B 96 8.52 -16.01 22.29
C GLY B 96 9.76 -16.85 22.50
N LYS B 97 10.17 -17.59 21.49
CA LYS B 97 11.30 -18.50 21.58
C LYS B 97 12.38 -18.19 20.54
N GLY B 98 12.25 -17.02 19.90
CA GLY B 98 13.23 -16.54 18.93
C GLY B 98 13.03 -16.95 17.49
N LEU B 99 11.96 -17.69 17.19
CA LEU B 99 11.63 -18.15 15.83
C LEU B 99 11.35 -17.00 14.85
N GLY B 100 10.62 -16.00 15.31
CA GLY B 100 10.40 -14.76 14.55
C GLY B 100 11.67 -14.16 14.00
N ARG B 101 12.65 -13.94 14.89
CA ARG B 101 13.93 -13.39 14.45
C ARG B 101 14.76 -14.29 13.50
N LYS B 102 14.80 -15.59 13.76
CA LYS B 102 15.49 -16.52 12.88
C LYS B 102 14.89 -16.52 11.44
N LEU B 103 13.56 -16.49 11.38
CA LEU B 103 12.85 -16.44 10.11
C LEU B 103 13.14 -15.13 9.37
N LEU B 104 12.87 -14.02 10.02
CA LEU B 104 13.15 -12.71 9.46
C LEU B 104 14.61 -12.55 9.00
N SER B 105 15.57 -12.96 9.81
CA SER B 105 17.00 -12.81 9.48
C SER B 105 17.33 -13.54 8.16
N ARG B 106 16.79 -14.75 8.03
N ARG B 106 16.80 -14.75 8.00
CA ARG B 106 16.92 -15.59 6.84
CA ARG B 106 16.99 -15.52 6.79
C ARG B 106 16.21 -14.98 5.61
C ARG B 106 16.23 -14.93 5.59
N LEU B 107 15.03 -14.40 5.84
CA LEU B 107 14.26 -13.72 4.80
C LEU B 107 15.00 -12.50 4.25
N ILE B 108 15.65 -11.77 5.15
CA ILE B 108 16.56 -10.67 4.77
C ILE B 108 17.63 -11.10 3.77
N ASP B 109 18.30 -12.21 4.04
CA ASP B 109 19.24 -12.78 3.08
C ASP B 109 18.62 -13.07 1.71
N GLU B 110 17.40 -13.62 1.67
CA GLU B 110 16.73 -13.88 0.37
C GLU B 110 16.33 -12.61 -0.40
N ALA B 111 15.95 -11.58 0.35
CA ALA B 111 15.58 -10.30 -0.23
C ALA B 111 16.79 -9.72 -0.93
N ARG B 112 17.95 -9.81 -0.27
CA ARG B 112 19.21 -9.38 -0.88
C ARG B 112 19.54 -10.22 -2.15
N ARG B 113 19.32 -11.53 -2.07
CA ARG B 113 19.60 -12.41 -3.20
C ARG B 113 18.71 -12.06 -4.41
N CYS B 114 17.49 -11.59 -4.13
CA CYS B 114 16.57 -11.12 -5.17
C CYS B 114 16.87 -9.70 -5.66
N GLY B 115 17.92 -9.08 -5.09
CA GLY B 115 18.43 -7.76 -5.54
C GLY B 115 17.53 -6.61 -5.14
N LYS B 116 16.73 -6.86 -4.11
CA LYS B 116 15.83 -5.82 -3.57
C LYS B 116 16.56 -4.73 -2.80
N HIS B 117 16.02 -3.52 -2.84
CA HIS B 117 16.71 -2.36 -2.20
C HIS B 117 16.10 -2.09 -0.80
N VAL B 118 14.80 -2.34 -0.68
CA VAL B 118 14.12 -2.07 0.59
C VAL B 118 13.09 -3.14 0.92
N VAL B 120 9.77 -3.42 3.34
CA VAL B 120 8.76 -2.70 4.09
CA VAL B 120 8.80 -2.72 4.14
C VAL B 120 7.94 -3.69 4.96
N ALA B 121 7.86 -3.40 6.27
CA ALA B 121 7.01 -4.09 7.25
C ALA B 121 5.79 -3.21 7.60
N GLY B 122 4.59 -3.74 7.34
CA GLY B 122 3.34 -3.09 7.72
C GLY B 122 2.87 -3.69 9.03
N ILE B 123 3.08 -2.97 10.14
CA ILE B 123 2.86 -3.48 11.48
C ILE B 123 1.78 -2.70 12.22
N GLU B 124 0.77 -3.38 12.77
CA GLU B 124 -0.24 -2.68 13.57
C GLU B 124 0.45 -2.17 14.85
N SER B 125 0.18 -0.92 15.25
CA SER B 125 1.06 -0.20 16.21
C SER B 125 1.14 -0.77 17.64
N GLN B 126 0.13 -1.52 18.04
CA GLN B 126 0.14 -2.29 19.31
C GLN B 126 0.96 -3.61 19.28
N ASN B 127 1.43 -4.00 18.09
CA ASN B 127 2.18 -5.26 17.96
C ASN B 127 3.64 -5.12 18.44
N ALA B 128 3.79 -5.05 19.76
CA ALA B 128 5.10 -4.74 20.37
C ALA B 128 6.14 -5.82 20.01
N ALA B 129 5.70 -7.07 19.95
CA ALA B 129 6.58 -8.17 19.60
C ALA B 129 7.16 -8.00 18.20
N SER B 130 6.31 -7.70 17.23
CA SER B 130 6.82 -7.49 15.86
C SER B 130 7.70 -6.23 15.76
N ILE B 131 7.30 -5.17 16.45
CA ILE B 131 8.16 -3.98 16.51
C ILE B 131 9.56 -4.29 17.06
N ARG B 132 9.62 -5.03 18.18
CA ARG B 132 10.90 -5.39 18.80
C ARG B 132 11.74 -6.23 17.87
N LEU B 133 11.10 -7.23 17.27
CA LEU B 133 11.76 -8.13 16.33
C LEU B 133 12.46 -7.37 15.20
N HIS B 134 11.69 -6.52 14.50
CA HIS B 134 12.19 -5.64 13.45
C HIS B 134 13.30 -4.67 13.91
N HIS B 135 13.10 -4.00 15.03
CA HIS B 135 14.20 -3.19 15.61
C HIS B 135 15.49 -4.00 15.81
N SER B 136 15.36 -5.23 16.34
CA SER B 136 16.51 -6.13 16.54
C SER B 136 17.26 -6.53 15.25
N LEU B 137 16.61 -6.36 14.11
CA LEU B 137 17.25 -6.70 12.84
C LEU B 137 17.56 -5.46 12.02
N GLY B 138 17.51 -4.30 12.66
CA GLY B 138 17.95 -3.07 12.02
C GLY B 138 16.93 -2.27 11.23
N PHE B 139 15.63 -2.67 11.26
CA PHE B 139 14.56 -1.87 10.68
C PHE B 139 14.40 -0.59 11.50
N THR B 140 13.94 0.48 10.85
CA THR B 140 13.62 1.70 11.54
C THR B 140 12.20 2.14 11.17
N VAL B 141 11.55 2.80 12.11
CA VAL B 141 10.17 3.28 11.86
C VAL B 141 10.19 4.45 10.87
N THR B 142 9.37 4.36 9.82
CA THR B 142 9.33 5.44 8.84
C THR B 142 7.91 5.98 8.64
N ALA B 143 6.97 5.41 9.38
CA ALA B 143 5.58 5.86 9.34
C ALA B 143 4.85 5.50 10.61
N GLN B 144 3.92 6.37 10.98
CA GLN B 144 3.03 6.18 12.11
C GLN B 144 1.71 6.80 11.67
N PRO B 146 -2.26 6.96 12.09
CA PRO B 146 -3.37 6.63 13.00
C PRO B 146 -4.69 6.32 12.26
N GLN B 147 -5.38 5.28 12.77
CA GLN B 147 -6.79 5.02 12.48
C GLN B 147 -7.02 4.70 11.02
N VAL B 148 -6.02 4.12 10.37
CA VAL B 148 -6.19 3.76 8.93
C VAL B 148 -6.84 2.37 8.72
N GLY B 149 -7.01 1.61 9.80
CA GLY B 149 -7.70 0.34 9.75
C GLY B 149 -8.75 0.22 10.85
N VAL B 150 -9.53 -0.85 10.76
CA VAL B 150 -10.48 -1.20 11.77
C VAL B 150 -10.53 -2.73 11.92
N LYS B 151 -10.53 -3.21 13.15
CA LYS B 151 -10.79 -4.60 13.42
C LYS B 151 -11.20 -4.75 14.87
N PHE B 152 -12.07 -5.71 15.15
CA PHE B 152 -12.42 -6.06 16.54
C PHE B 152 -13.04 -4.89 17.29
N GLY B 153 -13.76 -4.00 16.59
CA GLY B 153 -14.38 -2.84 17.24
C GLY B 153 -13.45 -1.69 17.62
N ARG B 154 -12.22 -1.71 17.14
CA ARG B 154 -11.30 -0.62 17.46
C ARG B 154 -10.63 -0.14 16.18
N TRP B 155 -10.16 1.11 16.20
CA TRP B 155 -9.33 1.65 15.12
C TRP B 155 -7.96 1.00 15.22
N LEU B 156 -7.38 0.72 14.07
CA LEU B 156 -6.02 0.21 13.99
C LEU B 156 -5.11 1.32 13.48
N ASP B 157 -3.89 1.37 14.03
CA ASP B 157 -2.92 2.36 13.54
C ASP B 157 -1.83 1.58 12.87
N LEU B 158 -1.16 2.19 11.89
CA LEU B 158 -0.11 1.52 11.13
C LEU B 158 1.28 2.11 11.33
N THR B 159 2.19 1.26 11.78
CA THR B 159 3.61 1.58 11.79
C THR B 159 4.23 0.91 10.56
N PHE B 160 4.79 1.73 9.67
CA PHE B 160 5.73 1.20 8.66
C PHE B 160 7.14 1.19 9.24
N GLN B 162 11.12 -0.01 7.83
CA GLN B 162 11.85 -0.46 6.67
C GLN B 162 13.33 -0.73 6.92
N LEU B 163 13.90 -1.51 6.03
CA LEU B 163 15.33 -1.83 6.10
C LEU B 163 15.85 -1.68 4.70
N GLN B 164 16.83 -0.80 4.54
CA GLN B 164 17.47 -0.60 3.25
C GLN B 164 18.60 -1.66 3.14
N LEU B 165 18.62 -2.39 2.03
CA LEU B 165 19.45 -3.63 1.88
C LEU B 165 20.83 -3.38 1.26
N ASP B 166 21.03 -2.22 0.62
CA ASP B 166 22.31 -1.92 0.03
C ASP B 166 22.45 -0.42 0.01
N GLU B 167 23.61 0.03 -0.40
CA GLU B 167 23.87 1.46 -0.57
C GLU B 167 23.99 1.88 -2.05
N HIS B 168 23.39 1.14 -2.98
CA HIS B 168 23.50 1.56 -4.39
C HIS B 168 22.96 2.98 -4.60
N ALA B 169 23.71 3.82 -5.32
CA ALA B 169 23.31 5.21 -5.50
C ALA B 169 22.07 5.32 -6.41
N ALA B 170 21.88 4.30 -7.23
CA ALA B 170 20.79 4.28 -8.23
C ALA B 170 20.40 2.82 -8.46
N PRO B 171 19.15 2.56 -8.91
CA PRO B 171 18.73 1.18 -9.24
C PRO B 171 19.73 0.61 -10.27
N ASP B 172 20.05 -0.68 -10.19
CA ASP B 172 21.17 -1.31 -10.96
C ASP B 172 20.76 -2.52 -11.80
N ALA B 173 19.47 -2.70 -12.04
CA ALA B 173 19.00 -3.88 -12.71
C ALA B 173 17.76 -3.59 -13.57
N CYS B 174 17.72 -2.39 -14.15
CA CYS B 174 16.69 -1.92 -15.10
C CYS B 174 15.36 -1.58 -14.40
#